data_1OA7
#
_entry.id   1OA7
#
_cell.length_a   47.300
_cell.length_b   47.300
_cell.length_c   178.200
_cell.angle_alpha   90.00
_cell.angle_beta   90.00
_cell.angle_gamma   90.00
#
_symmetry.space_group_name_H-M   'P 43 21 2'
#
loop_
_entity.id
_entity.type
_entity.pdbx_description
1 polymer CELLULASE
2 branched beta-D-glucopyranose-(1-4)-beta-D-glucopyranose
3 water water
#
_entity_poly.entity_id   1
_entity_poly.type   'polypeptide(L)'
_entity_poly.pdbx_seq_one_letter_code
;ANGQSTRYWDCCKPSCGWRGKGPVNQPVYSCDANFQRIHDFDAVSGCEGGPAFSCADHSPWAINDNLSYGFAATALSGQT
EESWCCACYALTFTSGPVAGKTMVVQSTSTGGDLGSNHFDLNIPGGGVGLFDGCTPQFGGLPGARYGGISSRQECDSFPE
PLKPGCQWRFDWFQNADNPSFTFERVQCPEELVARTGCRRHDDGGFAVFKAPSA
;
_entity_poly.pdbx_strand_id   A
#
loop_
_chem_comp.id
_chem_comp.type
_chem_comp.name
_chem_comp.formula
BGC D-saccharide, beta linking beta-D-glucopyranose 'C6 H12 O6'
#
# COMPACT_ATOMS: atom_id res chain seq x y z
N ALA A 1 -16.68 -5.19 9.61
CA ALA A 1 -16.04 -6.44 9.14
C ALA A 1 -14.71 -6.67 9.86
N ASN A 2 -14.23 -7.90 9.82
CA ASN A 2 -12.96 -8.26 10.47
C ASN A 2 -11.93 -8.68 9.43
N GLY A 3 -10.68 -8.32 9.66
CA GLY A 3 -9.63 -8.69 8.73
C GLY A 3 -8.26 -8.79 9.39
N GLN A 4 -7.26 -9.25 8.65
CA GLN A 4 -5.92 -9.31 9.21
C GLN A 4 -4.92 -8.66 8.27
N SER A 5 -3.76 -8.30 8.79
CA SER A 5 -2.79 -7.63 7.94
C SER A 5 -1.40 -8.22 7.89
N THR A 6 -0.66 -7.77 6.88
CA THR A 6 0.73 -8.12 6.70
C THR A 6 1.31 -6.80 6.21
N ARG A 7 2.61 -6.78 5.89
CA ARG A 7 3.23 -5.56 5.40
C ARG A 7 4.15 -5.94 4.25
N TYR A 8 4.40 -4.99 3.35
CA TYR A 8 5.26 -5.28 2.21
C TYR A 8 5.56 -4.06 1.37
N TRP A 9 6.55 -4.22 0.49
CA TRP A 9 6.95 -3.21 -0.48
C TRP A 9 7.87 -3.93 -1.47
N ASP A 10 7.33 -4.26 -2.64
CA ASP A 10 8.10 -4.98 -3.65
C ASP A 10 8.47 -4.17 -4.88
N CYS A 11 8.17 -2.86 -4.84
CA CYS A 11 8.47 -1.95 -5.95
C CYS A 11 7.71 -2.26 -7.26
N CYS A 12 6.81 -3.23 -7.23
CA CYS A 12 6.05 -3.60 -8.43
C CYS A 12 4.94 -2.61 -8.78
N LYS A 13 4.62 -2.53 -10.07
CA LYS A 13 3.53 -1.65 -10.52
C LYS A 13 2.29 -2.15 -9.80
N PRO A 14 1.46 -1.24 -9.29
CA PRO A 14 0.27 -1.72 -8.59
C PRO A 14 -0.78 -2.29 -9.55
N SER A 15 -1.48 -3.35 -9.13
CA SER A 15 -2.50 -3.95 -10.00
C SER A 15 -3.57 -2.93 -10.40
N CYS A 16 -3.95 -2.06 -9.47
CA CYS A 16 -4.96 -1.06 -9.76
C CYS A 16 -4.35 0.06 -10.59
N GLY A 17 -3.09 -0.15 -11.01
CA GLY A 17 -2.40 0.82 -11.84
C GLY A 17 -2.75 0.63 -13.31
N TRP A 18 -3.49 -0.43 -13.61
CA TRP A 18 -3.92 -0.70 -14.99
C TRP A 18 -5.36 -0.22 -15.17
N ARG A 19 -5.68 0.24 -16.38
CA ARG A 19 -7.04 0.69 -16.68
C ARG A 19 -7.95 -0.54 -16.74
N GLY A 20 -9.24 -0.33 -16.53
CA GLY A 20 -10.20 -1.43 -16.58
C GLY A 20 -10.31 -2.27 -15.34
N LYS A 21 -9.78 -1.79 -14.22
CA LYS A 21 -9.84 -2.53 -12.97
C LYS A 21 -10.99 -2.06 -12.09
N GLY A 22 -11.79 -1.13 -12.60
CA GLY A 22 -12.92 -0.63 -11.85
C GLY A 22 -13.42 0.69 -12.41
N PRO A 23 -14.57 1.18 -11.93
CA PRO A 23 -15.12 2.45 -12.41
C PRO A 23 -14.40 3.59 -11.74
N VAL A 24 -13.29 4.04 -12.35
CA VAL A 24 -12.52 5.14 -11.79
C VAL A 24 -12.28 6.22 -12.82
N ASN A 25 -11.87 7.39 -12.33
CA ASN A 25 -11.58 8.53 -13.20
C ASN A 25 -10.28 8.19 -13.97
N GLN A 26 -9.32 7.61 -13.27
CA GLN A 26 -8.04 7.19 -13.85
C GLN A 26 -7.48 6.16 -12.88
N PRO A 27 -6.63 5.24 -13.36
CA PRO A 27 -6.07 4.24 -12.45
C PRO A 27 -4.98 4.83 -11.54
N VAL A 28 -4.45 4.01 -10.64
CA VAL A 28 -3.38 4.47 -9.73
C VAL A 28 -2.11 4.80 -10.53
N TYR A 29 -1.48 5.93 -10.21
CA TYR A 29 -0.24 6.31 -10.92
C TYR A 29 0.86 5.28 -10.70
N SER A 30 1.73 5.14 -11.69
CA SER A 30 2.90 4.27 -11.59
C SER A 30 4.08 5.22 -11.66
N CYS A 31 5.25 4.78 -11.20
CA CYS A 31 6.43 5.63 -11.24
C CYS A 31 7.58 4.94 -11.96
N ASP A 32 8.53 5.74 -12.44
CA ASP A 32 9.68 5.17 -13.11
C ASP A 32 10.69 4.81 -12.03
N ALA A 33 11.85 4.31 -12.46
CA ALA A 33 12.89 3.89 -11.54
C ALA A 33 13.32 5.00 -10.58
N ASN A 34 13.12 6.26 -10.99
CA ASN A 34 13.50 7.40 -10.16
C ASN A 34 12.35 7.99 -9.34
N PHE A 35 11.32 7.17 -9.10
CA PHE A 35 10.17 7.58 -8.31
C PHE A 35 9.40 8.77 -8.85
N GLN A 36 9.40 8.94 -10.17
CA GLN A 36 8.67 10.04 -10.80
C GLN A 36 7.46 9.47 -11.52
N ARG A 37 6.33 10.17 -11.46
CA ARG A 37 5.12 9.68 -12.09
C ARG A 37 5.24 9.42 -13.58
N ILE A 38 4.61 8.34 -14.01
CA ILE A 38 4.57 7.90 -15.40
C ILE A 38 3.24 8.32 -16.02
N HIS A 39 3.25 8.65 -17.31
CA HIS A 39 2.03 9.06 -18.00
C HIS A 39 1.27 7.90 -18.62
N ASP A 40 1.98 6.82 -18.94
CA ASP A 40 1.38 5.66 -19.56
C ASP A 40 0.95 4.57 -18.56
N PHE A 41 -0.35 4.43 -18.33
CA PHE A 41 -0.85 3.44 -17.40
C PHE A 41 -0.80 2.01 -17.96
N ASP A 42 -0.41 1.87 -19.22
CA ASP A 42 -0.33 0.56 -19.86
C ASP A 42 1.10 0.05 -19.87
N ALA A 43 1.98 0.78 -19.23
CA ALA A 43 3.40 0.43 -19.18
C ALA A 43 3.65 -0.90 -18.48
N VAL A 44 4.68 -1.62 -18.93
CA VAL A 44 5.02 -2.91 -18.35
C VAL A 44 5.58 -2.74 -16.94
N SER A 45 5.14 -3.59 -16.02
CA SER A 45 5.60 -3.53 -14.64
C SER A 45 7.08 -3.80 -14.45
N GLY A 46 7.67 -3.16 -13.45
CA GLY A 46 9.08 -3.35 -13.12
C GLY A 46 9.31 -4.77 -12.66
N CYS A 47 8.22 -5.46 -12.31
CA CYS A 47 8.32 -6.84 -11.87
C CYS A 47 8.06 -7.79 -13.01
N GLU A 48 7.93 -7.23 -14.21
CA GLU A 48 7.71 -7.99 -15.44
C GLU A 48 8.84 -7.58 -16.41
N GLY A 49 9.95 -7.08 -15.86
CA GLY A 49 11.07 -6.66 -16.68
C GLY A 49 10.82 -5.33 -17.39
N GLY A 50 9.88 -4.55 -16.86
CA GLY A 50 9.54 -3.28 -17.47
C GLY A 50 9.96 -2.04 -16.70
N PRO A 51 9.43 -0.86 -17.06
CA PRO A 51 9.81 0.39 -16.37
C PRO A 51 8.82 0.93 -15.33
N ALA A 52 7.68 0.29 -15.18
CA ALA A 52 6.68 0.78 -14.23
C ALA A 52 6.81 0.20 -12.83
N PHE A 53 7.27 1.05 -11.91
CA PHE A 53 7.45 0.66 -10.50
C PHE A 53 6.49 1.41 -9.60
N SER A 54 6.48 1.01 -8.33
CA SER A 54 5.61 1.62 -7.34
C SER A 54 6.12 3.00 -6.91
N CYS A 55 5.21 3.97 -6.86
CA CYS A 55 5.57 5.33 -6.45
C CYS A 55 5.88 5.39 -4.95
N ALA A 56 7.00 6.01 -4.59
CA ALA A 56 7.40 6.14 -3.19
C ALA A 56 6.40 6.93 -2.36
N ASP A 57 5.67 7.84 -3.00
CA ASP A 57 4.70 8.64 -2.26
C ASP A 57 3.45 7.86 -1.86
N HIS A 58 3.36 6.61 -2.30
CA HIS A 58 2.24 5.76 -1.94
C HIS A 58 2.69 5.04 -0.67
N SER A 59 3.12 5.85 0.31
CA SER A 59 3.60 5.38 1.60
C SER A 59 2.65 5.82 2.71
N PRO A 60 2.67 5.10 3.84
CA PRO A 60 1.80 5.45 4.96
C PRO A 60 2.38 6.66 5.72
N TRP A 61 1.53 7.43 6.39
CA TRP A 61 2.01 8.56 7.18
C TRP A 61 1.01 8.91 8.27
N ALA A 62 1.51 9.50 9.35
CA ALA A 62 0.63 9.84 10.46
C ALA A 62 -0.10 11.17 10.29
N ILE A 63 -1.39 11.17 10.58
CA ILE A 63 -2.17 12.39 10.51
C ILE A 63 -2.10 13.02 11.89
N ASN A 64 -2.30 12.19 12.92
CA ASN A 64 -2.21 12.61 14.32
C ASN A 64 -1.85 11.37 15.10
N ASP A 65 -1.73 11.49 16.42
CA ASP A 65 -1.37 10.33 17.25
C ASP A 65 -2.29 9.12 17.13
N ASN A 66 -3.53 9.32 16.70
CA ASN A 66 -4.51 8.24 16.58
C ASN A 66 -4.80 7.77 15.16
N LEU A 67 -4.41 8.56 14.18
CA LEU A 67 -4.75 8.26 12.79
C LEU A 67 -3.65 8.43 11.74
N SER A 68 -3.59 7.47 10.82
CA SER A 68 -2.64 7.51 9.72
C SER A 68 -3.38 7.20 8.42
N TYR A 69 -2.82 7.65 7.31
CA TYR A 69 -3.36 7.39 6.00
C TYR A 69 -2.34 6.48 5.32
N GLY A 70 -2.81 5.57 4.47
CA GLY A 70 -1.89 4.66 3.82
C GLY A 70 -2.46 3.92 2.63
N PHE A 71 -1.74 2.92 2.17
CA PHE A 71 -2.13 2.13 1.02
C PHE A 71 -1.91 0.65 1.31
N ALA A 72 -2.55 -0.22 0.54
CA ALA A 72 -2.39 -1.64 0.77
C ALA A 72 -2.80 -2.46 -0.44
N ALA A 73 -2.32 -3.70 -0.46
CA ALA A 73 -2.67 -4.67 -1.50
C ALA A 73 -3.76 -5.41 -0.75
N THR A 74 -4.95 -5.44 -1.31
CA THR A 74 -6.08 -6.06 -0.63
C THR A 74 -6.70 -7.25 -1.33
N ALA A 75 -7.34 -8.10 -0.53
CA ALA A 75 -8.08 -9.26 -1.00
C ALA A 75 -9.25 -9.39 -0.03
N LEU A 76 -10.48 -9.32 -0.54
CA LEU A 76 -11.66 -9.43 0.30
C LEU A 76 -12.44 -10.71 -0.01
N SER A 77 -12.86 -11.41 1.03
CA SER A 77 -13.56 -12.67 0.88
C SER A 77 -14.72 -12.66 -0.10
N GLY A 78 -14.60 -13.46 -1.16
CA GLY A 78 -15.66 -13.56 -2.15
C GLY A 78 -15.87 -12.33 -3.02
N GLN A 79 -14.86 -11.46 -3.10
CA GLN A 79 -14.97 -10.25 -3.93
C GLN A 79 -13.87 -10.25 -5.01
N THR A 80 -13.96 -9.29 -5.92
CA THR A 80 -12.98 -9.15 -7.00
C THR A 80 -12.39 -7.74 -7.02
N GLU A 81 -11.28 -7.55 -7.75
CA GLU A 81 -10.63 -6.24 -7.83
C GLU A 81 -11.58 -5.11 -8.15
N GLU A 82 -12.53 -5.38 -9.06
CA GLU A 82 -13.49 -4.35 -9.46
C GLU A 82 -14.18 -3.69 -8.27
N SER A 83 -14.34 -4.43 -7.18
CA SER A 83 -15.00 -3.88 -6.01
C SER A 83 -14.09 -3.22 -4.99
N TRP A 84 -12.77 -3.40 -5.10
CA TRP A 84 -11.88 -2.77 -4.14
C TRP A 84 -10.83 -1.82 -4.73
N CYS A 85 -10.55 -1.91 -6.03
CA CYS A 85 -9.55 -1.00 -6.58
C CYS A 85 -9.86 0.48 -6.32
N CYS A 86 -8.91 1.14 -5.66
CA CYS A 86 -9.01 2.55 -5.32
C CYS A 86 -10.03 2.88 -4.24
N ALA A 87 -10.67 1.85 -3.69
CA ALA A 87 -11.63 2.07 -2.62
C ALA A 87 -10.84 2.27 -1.33
N CYS A 88 -11.38 3.06 -0.41
CA CYS A 88 -10.72 3.30 0.88
C CYS A 88 -11.45 2.64 2.02
N TYR A 89 -10.70 2.17 3.00
CA TYR A 89 -11.28 1.49 4.16
C TYR A 89 -10.68 2.06 5.43
N ALA A 90 -11.52 2.25 6.45
CA ALA A 90 -11.07 2.73 7.73
C ALA A 90 -10.79 1.48 8.57
N LEU A 91 -9.54 1.32 8.99
CA LEU A 91 -9.16 0.17 9.80
C LEU A 91 -8.93 0.60 11.24
N THR A 92 -9.45 -0.19 12.18
CA THR A 92 -9.24 0.08 13.58
C THR A 92 -8.57 -1.17 14.13
N PHE A 93 -7.28 -1.03 14.46
CA PHE A 93 -6.51 -2.15 14.96
C PHE A 93 -7.05 -2.72 16.27
N THR A 94 -7.13 -4.04 16.31
CA THR A 94 -7.64 -4.74 17.48
C THR A 94 -6.59 -5.57 18.21
N SER A 95 -5.35 -5.53 17.73
CA SER A 95 -4.27 -6.27 18.37
C SER A 95 -2.97 -5.52 18.16
N GLY A 96 -1.89 -6.01 18.75
CA GLY A 96 -0.60 -5.36 18.58
C GLY A 96 -0.47 -4.11 19.43
N PRO A 97 0.70 -3.48 19.42
CA PRO A 97 0.95 -2.27 20.20
C PRO A 97 0.16 -1.04 19.78
N VAL A 98 -0.54 -1.12 18.63
CA VAL A 98 -1.31 0.01 18.13
C VAL A 98 -2.82 -0.20 18.26
N ALA A 99 -3.23 -1.19 19.05
CA ALA A 99 -4.65 -1.46 19.24
C ALA A 99 -5.34 -0.14 19.58
N GLY A 100 -6.46 0.13 18.91
CA GLY A 100 -7.18 1.35 19.15
C GLY A 100 -6.87 2.45 18.16
N LYS A 101 -5.74 2.35 17.46
CA LYS A 101 -5.40 3.37 16.46
C LYS A 101 -6.14 3.07 15.18
N THR A 102 -6.36 4.10 14.38
CA THR A 102 -7.09 3.96 13.13
C THR A 102 -6.18 4.32 11.98
N MET A 103 -6.52 3.81 10.81
CA MET A 103 -5.73 4.07 9.63
C MET A 103 -6.65 3.93 8.43
N VAL A 104 -6.72 4.97 7.61
CA VAL A 104 -7.55 4.92 6.41
C VAL A 104 -6.63 4.60 5.26
N VAL A 105 -6.87 3.48 4.60
CA VAL A 105 -6.01 3.07 3.50
C VAL A 105 -6.76 2.91 2.18
N GLN A 106 -6.08 3.23 1.09
CA GLN A 106 -6.70 3.07 -0.23
C GLN A 106 -6.10 1.82 -0.87
N SER A 107 -6.96 0.97 -1.43
CA SER A 107 -6.53 -0.26 -2.10
C SER A 107 -5.94 0.11 -3.43
N THR A 108 -4.66 -0.20 -3.62
CA THR A 108 -4.00 0.12 -4.89
C THR A 108 -3.54 -1.13 -5.62
N SER A 109 -3.58 -2.27 -4.93
CA SER A 109 -3.18 -3.50 -5.56
C SER A 109 -3.96 -4.66 -4.96
N THR A 110 -3.67 -5.87 -5.45
CA THR A 110 -4.37 -7.05 -4.97
C THR A 110 -3.44 -8.10 -4.38
N GLY A 111 -3.85 -8.67 -3.26
CA GLY A 111 -3.07 -9.70 -2.62
C GLY A 111 -3.48 -11.07 -3.13
N GLY A 112 -2.67 -12.10 -2.84
CA GLY A 112 -2.99 -13.43 -3.33
C GLY A 112 -3.71 -14.38 -2.38
N ASP A 113 -4.34 -13.83 -1.35
CA ASP A 113 -5.05 -14.64 -0.38
C ASP A 113 -6.50 -14.81 -0.84
N LEU A 114 -7.06 -15.99 -0.64
CA LEU A 114 -8.44 -16.22 -1.02
C LEU A 114 -9.24 -16.65 0.20
N GLY A 115 -10.53 -16.33 0.21
CA GLY A 115 -11.39 -16.70 1.32
C GLY A 115 -11.10 -15.95 2.60
N SER A 116 -10.55 -14.74 2.48
CA SER A 116 -10.25 -13.94 3.67
C SER A 116 -10.26 -12.44 3.38
N ASN A 117 -10.28 -11.64 4.44
CA ASN A 117 -10.22 -10.19 4.33
C ASN A 117 -8.80 -9.88 4.75
N HIS A 118 -7.91 -9.68 3.77
CA HIS A 118 -6.51 -9.45 4.05
C HIS A 118 -5.99 -8.15 3.48
N PHE A 119 -5.34 -7.35 4.31
CA PHE A 119 -4.75 -6.08 3.87
C PHE A 119 -3.24 -6.15 4.05
N ASP A 120 -2.51 -6.20 2.94
CA ASP A 120 -1.04 -6.22 2.99
C ASP A 120 -0.64 -4.76 2.83
N LEU A 121 -0.33 -4.12 3.95
CA LEU A 121 0.02 -2.69 3.99
C LEU A 121 1.30 -2.30 3.28
N ASN A 122 1.24 -1.25 2.48
CA ASN A 122 2.41 -0.74 1.78
C ASN A 122 3.34 -0.16 2.84
N ILE A 123 4.51 -0.76 3.03
CA ILE A 123 5.47 -0.23 3.98
C ILE A 123 6.88 -0.44 3.43
N PRO A 124 7.57 0.65 3.06
CA PRO A 124 8.92 0.48 2.53
C PRO A 124 9.78 -0.30 3.53
N GLY A 125 10.38 -1.39 3.07
CA GLY A 125 11.20 -2.19 3.97
C GLY A 125 10.40 -3.18 4.80
N GLY A 126 9.12 -3.29 4.50
CA GLY A 126 8.27 -4.22 5.23
C GLY A 126 8.40 -5.62 4.66
N GLY A 127 9.20 -5.74 3.61
CA GLY A 127 9.39 -7.04 3.00
C GLY A 127 9.00 -7.06 1.53
N VAL A 128 9.92 -7.52 0.70
CA VAL A 128 9.69 -7.59 -0.72
C VAL A 128 8.58 -8.64 -1.00
N GLY A 129 8.64 -9.77 -0.33
CA GLY A 129 7.62 -10.81 -0.51
C GLY A 129 7.72 -11.72 -1.72
N LEU A 130 6.58 -12.12 -2.27
CA LEU A 130 6.56 -13.01 -3.42
C LEU A 130 7.41 -12.49 -4.59
N PHE A 131 7.20 -11.24 -4.97
CA PHE A 131 7.93 -10.63 -6.08
C PHE A 131 8.94 -9.61 -5.60
N ASP A 132 10.00 -9.40 -6.39
CA ASP A 132 11.02 -8.42 -6.04
C ASP A 132 11.36 -7.48 -7.20
N GLY A 133 10.66 -6.35 -7.27
CA GLY A 133 10.92 -5.37 -8.31
C GLY A 133 11.90 -4.31 -7.82
N CYS A 134 12.28 -4.40 -6.54
CA CYS A 134 13.21 -3.43 -5.98
C CYS A 134 14.65 -3.70 -6.39
N THR A 135 14.97 -4.95 -6.69
CA THR A 135 16.33 -5.26 -7.13
C THR A 135 16.54 -4.63 -8.50
N PRO A 136 15.59 -4.83 -9.43
CA PRO A 136 15.69 -4.26 -10.78
C PRO A 136 15.62 -2.72 -10.74
N GLN A 137 14.77 -2.18 -9.87
CA GLN A 137 14.60 -0.74 -9.78
C GLN A 137 15.84 0.03 -9.33
N PHE A 138 16.48 -0.42 -8.26
CA PHE A 138 17.63 0.30 -7.76
C PHE A 138 18.64 -0.53 -6.98
N GLY A 139 18.69 -1.83 -7.24
CA GLY A 139 19.66 -2.66 -6.54
C GLY A 139 19.07 -3.47 -5.39
N GLY A 140 17.82 -3.20 -5.05
CA GLY A 140 17.16 -3.93 -3.97
C GLY A 140 17.13 -3.26 -2.61
N LEU A 141 16.31 -3.79 -1.72
CA LEU A 141 16.18 -3.29 -0.36
C LEU A 141 16.72 -4.34 0.61
N PRO A 142 17.25 -3.91 1.75
CA PRO A 142 17.77 -4.89 2.71
C PRO A 142 16.62 -5.49 3.51
N GLY A 143 16.92 -6.55 4.25
CA GLY A 143 15.89 -7.17 5.06
C GLY A 143 15.53 -8.57 4.60
N ALA A 144 14.77 -9.28 5.44
CA ALA A 144 14.33 -10.63 5.09
C ALA A 144 13.29 -10.49 3.98
N ARG A 145 13.11 -11.55 3.19
CA ARG A 145 12.16 -11.54 2.07
C ARG A 145 10.78 -11.11 2.53
N TYR A 146 10.28 -11.72 3.60
CA TYR A 146 8.98 -11.36 4.15
C TYR A 146 9.26 -10.67 5.47
N GLY A 147 8.54 -9.60 5.79
CA GLY A 147 8.80 -8.91 7.04
C GLY A 147 9.83 -7.80 6.87
N GLY A 148 10.76 -7.99 5.93
CA GLY A 148 11.77 -6.98 5.66
C GLY A 148 12.79 -6.72 6.75
N ILE A 149 13.12 -5.44 6.95
CA ILE A 149 14.10 -5.07 7.97
C ILE A 149 13.55 -5.22 9.39
N SER A 150 14.44 -5.20 10.38
CA SER A 150 14.02 -5.34 11.76
C SER A 150 14.33 -4.13 12.64
N SER A 151 15.13 -3.18 12.15
CA SER A 151 15.47 -1.98 12.93
C SER A 151 15.30 -0.68 12.14
N ARG A 152 14.82 0.35 12.83
CA ARG A 152 14.59 1.66 12.20
C ARG A 152 15.86 2.19 11.55
N GLN A 153 16.98 1.95 12.20
CA GLN A 153 18.26 2.42 11.68
C GLN A 153 18.51 1.90 10.26
N GLU A 154 18.00 0.70 9.96
CA GLU A 154 18.18 0.12 8.64
C GLU A 154 17.56 0.97 7.52
N CYS A 155 16.63 1.85 7.87
CA CYS A 155 16.01 2.71 6.86
C CYS A 155 17.02 3.71 6.31
N ASP A 156 18.12 3.91 7.03
CA ASP A 156 19.15 4.87 6.61
C ASP A 156 19.79 4.64 5.24
N SER A 157 19.83 3.39 4.77
CA SER A 157 20.44 3.11 3.48
C SER A 157 19.43 3.12 2.33
N PHE A 158 18.16 3.37 2.66
CA PHE A 158 17.10 3.39 1.66
C PHE A 158 17.14 4.61 0.75
N PRO A 159 16.60 4.47 -0.47
CA PRO A 159 16.59 5.63 -1.36
C PRO A 159 15.74 6.66 -0.62
N GLU A 160 16.18 7.91 -0.64
CA GLU A 160 15.52 9.00 0.05
C GLU A 160 13.98 9.00 0.05
N PRO A 161 13.35 8.90 -1.12
CA PRO A 161 11.88 8.91 -1.16
C PRO A 161 11.16 7.82 -0.36
N LEU A 162 11.83 6.70 -0.11
CA LEU A 162 11.26 5.60 0.65
C LEU A 162 11.53 5.67 2.17
N LYS A 163 12.42 6.55 2.59
CA LYS A 163 12.74 6.63 4.02
C LYS A 163 11.61 6.94 4.99
N PRO A 164 10.81 7.98 4.72
CA PRO A 164 9.73 8.29 5.65
C PRO A 164 8.74 7.14 5.88
N GLY A 165 8.36 6.45 4.81
CA GLY A 165 7.44 5.33 4.95
C GLY A 165 8.11 4.24 5.76
N CYS A 166 9.40 4.04 5.51
CA CYS A 166 10.16 3.02 6.23
C CYS A 166 10.19 3.31 7.73
N GLN A 167 10.42 4.59 8.06
CA GLN A 167 10.48 5.02 9.45
C GLN A 167 9.13 5.08 10.16
N TRP A 168 8.09 5.39 9.40
CA TRP A 168 6.73 5.45 9.94
C TRP A 168 6.45 4.15 10.69
N ARG A 169 6.95 3.05 10.14
CA ARG A 169 6.74 1.73 10.72
C ARG A 169 7.23 1.58 12.16
N PHE A 170 8.31 2.25 12.52
CA PHE A 170 8.86 2.14 13.87
C PHE A 170 8.43 3.30 14.76
N ASP A 171 7.64 4.21 14.21
CA ASP A 171 7.18 5.36 14.97
C ASP A 171 5.68 5.22 15.28
N TRP A 172 4.82 5.83 14.49
CA TRP A 172 3.37 5.71 14.71
C TRP A 172 2.94 4.26 14.85
N PHE A 173 3.50 3.41 13.99
CA PHE A 173 3.13 1.99 13.93
C PHE A 173 3.75 1.11 15.02
N GLN A 174 4.74 1.66 15.72
CA GLN A 174 5.42 0.93 16.80
C GLN A 174 5.83 -0.49 16.42
N ASN A 175 6.29 -0.65 15.18
CA ASN A 175 6.74 -1.92 14.63
C ASN A 175 5.75 -3.07 14.86
N ALA A 176 4.46 -2.76 14.84
CA ALA A 176 3.42 -3.78 15.05
C ALA A 176 3.55 -4.89 14.00
N ASP A 177 3.53 -6.15 14.45
CA ASP A 177 3.63 -7.29 13.53
C ASP A 177 2.27 -7.86 13.22
N ASN A 178 1.82 -7.65 11.99
CA ASN A 178 0.55 -8.17 11.52
C ASN A 178 -0.65 -7.93 12.42
N PRO A 179 -0.91 -6.67 12.82
CA PRO A 179 -2.07 -6.45 13.69
C PRO A 179 -3.42 -6.68 12.98
N SER A 180 -4.37 -7.27 13.71
CA SER A 180 -5.71 -7.52 13.18
C SER A 180 -6.52 -6.22 13.32
N PHE A 181 -7.68 -6.16 12.68
CA PHE A 181 -8.49 -4.95 12.70
C PHE A 181 -9.94 -5.18 12.28
N THR A 182 -10.78 -4.19 12.54
CA THR A 182 -12.17 -4.20 12.09
C THR A 182 -12.10 -3.13 11.00
N PHE A 183 -12.99 -3.19 10.02
CA PHE A 183 -12.93 -2.19 8.96
C PHE A 183 -14.25 -2.01 8.23
N GLU A 184 -14.40 -0.83 7.66
CA GLU A 184 -15.60 -0.46 6.89
C GLU A 184 -15.10 0.40 5.75
N ARG A 185 -15.75 0.31 4.60
CA ARG A 185 -15.34 1.15 3.50
C ARG A 185 -15.84 2.56 3.83
N VAL A 186 -15.05 3.57 3.46
CA VAL A 186 -15.42 4.96 3.69
C VAL A 186 -15.02 5.74 2.44
N GLN A 187 -15.55 6.94 2.30
CA GLN A 187 -15.21 7.77 1.16
C GLN A 187 -13.71 8.04 1.27
N CYS A 188 -12.99 8.02 0.17
CA CYS A 188 -11.56 8.27 0.24
C CYS A 188 -11.21 9.70 0.60
N PRO A 189 -10.30 9.88 1.56
CA PRO A 189 -9.97 11.27 1.89
C PRO A 189 -9.21 11.85 0.69
N GLU A 190 -9.32 13.16 0.53
CA GLU A 190 -8.68 13.85 -0.58
C GLU A 190 -7.18 13.67 -0.64
N GLU A 191 -6.54 13.53 0.52
CA GLU A 191 -5.09 13.36 0.57
C GLU A 191 -4.61 12.07 -0.09
N LEU A 192 -5.40 11.00 0.02
CA LEU A 192 -5.03 9.72 -0.59
C LEU A 192 -5.20 9.77 -2.10
N VAL A 193 -6.32 10.32 -2.56
CA VAL A 193 -6.57 10.44 -3.99
C VAL A 193 -5.52 11.35 -4.62
N ALA A 194 -5.03 12.34 -3.86
CA ALA A 194 -4.02 13.25 -4.38
C ALA A 194 -2.69 12.55 -4.62
N ARG A 195 -2.46 11.43 -3.93
CA ARG A 195 -1.24 10.65 -4.08
C ARG A 195 -1.35 9.64 -5.23
N THR A 196 -2.48 8.95 -5.32
CA THR A 196 -2.66 7.93 -6.36
C THR A 196 -3.34 8.44 -7.63
N GLY A 197 -4.16 9.48 -7.48
CA GLY A 197 -4.89 10.03 -8.61
C GLY A 197 -6.14 9.23 -8.94
N CYS A 198 -6.36 8.14 -8.22
CA CYS A 198 -7.49 7.26 -8.48
C CYS A 198 -8.67 7.39 -7.52
N ARG A 199 -9.85 7.67 -8.08
CA ARG A 199 -11.08 7.85 -7.31
C ARG A 199 -12.22 7.06 -7.96
N ARG A 200 -12.91 6.24 -7.17
CA ARG A 200 -14.02 5.42 -7.66
C ARG A 200 -15.29 6.23 -7.87
N HIS A 201 -16.09 5.85 -8.87
CA HIS A 201 -17.34 6.55 -9.17
C HIS A 201 -18.39 6.37 -8.08
N ASP A 202 -18.27 5.30 -7.31
CA ASP A 202 -19.23 5.03 -6.25
C ASP A 202 -18.73 5.57 -4.91
N ASP A 203 -17.60 6.28 -4.93
CA ASP A 203 -17.02 6.81 -3.69
C ASP A 203 -17.90 7.80 -2.94
N GLY A 204 -18.50 8.73 -3.68
CA GLY A 204 -19.36 9.72 -3.05
C GLY A 204 -20.50 9.13 -2.23
N GLY A 205 -20.94 7.94 -2.62
CA GLY A 205 -22.01 7.29 -1.89
C GLY A 205 -21.64 7.00 -0.45
N PHE A 206 -20.34 6.90 -0.19
CA PHE A 206 -19.89 6.64 1.17
C PHE A 206 -19.65 7.97 1.88
N ALA A 207 -19.37 7.93 3.17
CA ALA A 207 -19.14 9.15 3.92
C ALA A 207 -17.84 9.07 4.72
N VAL A 208 -17.47 10.07 5.39
C2 BGC B . 2.48 -6.36 -11.04
C3 BGC B . 1.19 -5.83 -11.67
C4 BGC B . 0.21 -6.97 -11.86
C5 BGC B . -0.03 -7.78 -10.54
C6 BGC B . -0.85 -9.10 -10.68
C1 BGC B . 2.17 -7.01 -9.67
O1 BGC B . 3.38 -7.38 -9.02
O2 BGC B . 3.37 -5.25 -10.88
O3 BGC B . 1.47 -5.33 -12.98
O4 BGC B . -0.98 -6.49 -12.49
O5 BGC B . 1.25 -8.15 -9.93
O6 BGC B . -0.20 -10.02 -11.56
C2 BGC B . -2.99 -6.89 -13.80
C3 BGC B . -3.61 -7.77 -14.89
C4 BGC B . -2.60 -7.88 -16.06
C5 BGC B . -1.29 -8.52 -15.54
C6 BGC B . -0.18 -8.62 -16.58
C1 BGC B . -1.64 -7.44 -13.33
O2 BGC B . -3.81 -6.71 -12.66
O3 BGC B . -4.82 -7.14 -15.33
O4 BGC B . -3.14 -8.61 -17.16
O5 BGC B . -0.80 -7.66 -14.51
O6 BGC B . 0.14 -7.31 -17.03
#